data_4RTO
#
_entry.id   4RTO
#
_cell.length_a   35.936
_cell.length_b   63.254
_cell.length_c   143.211
_cell.angle_alpha   90.00
_cell.angle_beta   90.00
_cell.angle_gamma   90.00
#
_symmetry.space_group_name_H-M   'P 21 21 21'
#
loop_
_entity.id
_entity.type
_entity.pdbx_description
1 polymer 'DNA adenine methylase'
2 polymer "DNA (5'-D(*TP*TP*TP*AP*AP*AP*GP*AP*TP*CP*G)-3')"
3 polymer "DNA (5'-D(*AP*CP*GP*AP*TP*CP*TP*TP*TP*AP*A)-3')"
4 non-polymer SINEFUNGIN
5 water water
#
loop_
_entity_poly.entity_id
_entity_poly.type
_entity_poly.pdbx_seq_one_letter_code
_entity_poly.pdbx_strand_id
1 'polypeptide(L)'
;MGSSHHHHHHSSGLVPRGSHMKKNRAFLKWAGGKYPLLDDIKRHLPKGECLVEPFVGAGSVFLNTDFSRYILADINSDLI
SLYNIVKMRTDEYVQAARELFVPETNCAEVYYQFREEFNKSQDPFRRAVLFLYLNRYGYNGLCRYNLRGEFNVPFGRYKK
PYFPEAELYHFAEKAQNAFFYCESYADSMARADDSSVVYCDPPYAPLSATANFTAYHTNSFTLEQQAHLAEIAEGLVERH
IPVLISNHDTMLTREWYQRAKLHVVKVRRSISSNGGTRKKVDELLALYKPGVVSPAKK
;
A
2 'polydeoxyribonucleotide' (DT)(DT)(DT)(DA)(DA)(DA)(DG)(DA)(DT)(DC)(DG) F
3 'polydeoxyribonucleotide' (DA)(DC)(DG)(DA)(DT)(DC)(DT)(DT)(DT)(DA)(DA) G
#
# COMPACT_ATOMS: atom_id res chain seq x y z
N LYS A 23 1.39 -15.58 -7.70
CA LYS A 23 1.54 -14.18 -7.33
C LYS A 23 0.30 -13.38 -7.74
N ASN A 24 -0.34 -12.75 -6.76
CA ASN A 24 -1.52 -11.94 -7.03
C ASN A 24 -1.19 -10.45 -7.13
N ARG A 25 -1.51 -9.87 -8.28
CA ARG A 25 -1.27 -8.45 -8.50
C ARG A 25 -2.41 -7.60 -7.93
N ALA A 26 -2.06 -6.46 -7.34
CA ALA A 26 -3.06 -5.52 -6.85
C ALA A 26 -3.75 -4.84 -8.02
N PHE A 27 -4.94 -4.32 -7.79
CA PHE A 27 -5.70 -3.66 -8.86
C PHE A 27 -5.31 -2.19 -8.98
N LEU A 28 -4.34 -1.76 -8.19
CA LEU A 28 -3.89 -0.38 -8.23
C LEU A 28 -2.39 -0.27 -8.52
N LYS A 29 -2.04 0.67 -9.40
CA LYS A 29 -0.64 1.04 -9.58
C LYS A 29 -0.21 1.85 -8.37
N TRP A 30 0.85 1.41 -7.69
CA TRP A 30 1.27 2.07 -6.46
C TRP A 30 2.78 1.98 -6.26
N ALA A 31 3.35 3.01 -5.67
CA ALA A 31 4.79 3.04 -5.39
C ALA A 31 5.15 2.03 -4.31
N GLY A 32 6.28 1.36 -4.50
CA GLY A 32 6.72 0.35 -3.56
C GLY A 32 5.84 -0.89 -3.61
N GLY A 33 5.58 -1.37 -4.82
CA GLY A 33 4.75 -2.54 -5.04
C GLY A 33 5.30 -3.77 -4.34
N LYS A 34 6.62 -3.87 -4.28
CA LYS A 34 7.32 -4.95 -3.59
C LYS A 34 6.91 -6.34 -4.09
N TYR A 35 6.61 -6.44 -5.37
CA TYR A 35 6.26 -7.73 -5.97
C TYR A 35 7.46 -8.68 -6.06
N PRO A 36 8.63 -8.21 -6.54
CA PRO A 36 9.76 -9.15 -6.57
C PRO A 36 10.28 -9.51 -5.19
N LEU A 37 9.90 -8.73 -4.18
CA LEU A 37 10.38 -8.96 -2.82
C LEU A 37 9.47 -9.92 -2.05
N LEU A 38 8.31 -10.22 -2.63
CA LEU A 38 7.33 -11.10 -2.00
C LEU A 38 7.90 -12.47 -1.67
N ASP A 39 8.82 -12.94 -2.50
CA ASP A 39 9.46 -14.23 -2.29
C ASP A 39 10.34 -14.22 -1.04
N ASP A 40 10.98 -13.09 -0.80
CA ASP A 40 11.89 -12.96 0.33
C ASP A 40 11.16 -12.56 1.61
N ILE A 41 10.04 -11.84 1.45
CA ILE A 41 9.26 -11.39 2.60
C ILE A 41 8.55 -12.54 3.29
N LYS A 42 7.82 -13.34 2.52
CA LYS A 42 7.07 -14.48 3.05
C LYS A 42 7.97 -15.46 3.79
N ARG A 43 9.22 -15.55 3.34
CA ARG A 43 10.20 -16.43 3.96
C ARG A 43 10.55 -15.98 5.38
N HIS A 44 10.75 -14.68 5.53
CA HIS A 44 11.17 -14.11 6.81
C HIS A 44 10.01 -13.50 7.58
N LEU A 45 8.79 -13.79 7.15
CA LEU A 45 7.60 -13.31 7.84
C LEU A 45 7.04 -14.40 8.76
N PRO A 46 7.08 -14.16 10.07
CA PRO A 46 6.61 -15.12 11.09
C PRO A 46 5.15 -15.51 10.90
N LYS A 47 4.79 -16.69 11.38
CA LYS A 47 3.41 -17.17 11.28
C LYS A 47 2.60 -16.73 12.49
N GLY A 48 1.34 -16.38 12.26
CA GLY A 48 0.45 -15.94 13.32
C GLY A 48 -0.99 -15.84 12.85
N GLU A 49 -1.86 -15.38 13.73
CA GLU A 49 -3.28 -15.26 13.40
C GLU A 49 -3.57 -14.00 12.58
N CYS A 50 -3.16 -12.85 13.11
CA CYS A 50 -3.46 -11.59 12.46
C CYS A 50 -2.20 -10.96 11.85
N LEU A 51 -2.39 -10.25 10.73
CA LEU A 51 -1.30 -9.52 10.09
C LEU A 51 -1.61 -8.02 10.08
N VAL A 52 -0.72 -7.23 10.66
CA VAL A 52 -0.91 -5.79 10.73
C VAL A 52 0.03 -5.05 9.78
N GLU A 53 -0.54 -4.32 8.82
CA GLU A 53 0.24 -3.53 7.89
C GLU A 53 -0.07 -2.04 8.02
N PRO A 54 0.82 -1.29 8.69
CA PRO A 54 0.67 0.15 8.87
C PRO A 54 0.79 0.92 7.57
N PHE A 55 1.42 0.31 6.56
CA PHE A 55 1.58 0.93 5.25
C PHE A 55 1.09 -0.02 4.17
N VAL A 56 -0.21 -0.27 4.14
CA VAL A 56 -0.76 -1.29 3.24
C VAL A 56 -0.54 -0.96 1.77
N GLY A 57 -0.75 0.31 1.40
CA GLY A 57 -0.60 0.74 0.02
C GLY A 57 -1.46 -0.07 -0.94
N ALA A 58 -0.80 -0.72 -1.89
CA ALA A 58 -1.49 -1.57 -2.86
C ALA A 58 -1.91 -2.89 -2.23
N GLY A 59 -1.27 -3.24 -1.11
CA GLY A 59 -1.60 -4.45 -0.39
C GLY A 59 -1.11 -5.71 -1.07
N SER A 60 0.08 -5.65 -1.65
CA SER A 60 0.65 -6.80 -2.34
C SER A 60 0.99 -7.92 -1.36
N VAL A 61 1.46 -7.56 -0.18
CA VAL A 61 1.76 -8.53 0.87
C VAL A 61 0.47 -9.17 1.36
N PHE A 62 -0.55 -8.34 1.57
CA PHE A 62 -1.85 -8.79 2.03
C PHE A 62 -2.50 -9.77 1.05
N LEU A 63 -2.30 -9.53 -0.24
CA LEU A 63 -2.92 -10.36 -1.27
C LEU A 63 -2.18 -11.69 -1.49
N ASN A 64 -0.89 -11.72 -1.17
CA ASN A 64 -0.08 -12.90 -1.41
C ASN A 64 0.34 -13.63 -0.15
N THR A 65 -0.48 -13.50 0.89
CA THR A 65 -0.30 -14.26 2.13
C THR A 65 -1.62 -14.88 2.54
N ASP A 66 -1.60 -15.68 3.60
CA ASP A 66 -2.83 -16.32 4.08
C ASP A 66 -2.91 -16.31 5.61
N PHE A 67 -3.45 -15.23 6.14
CA PHE A 67 -3.65 -15.10 7.58
C PHE A 67 -5.13 -15.20 7.91
N SER A 68 -5.44 -15.48 9.17
CA SER A 68 -6.83 -15.57 9.62
C SER A 68 -7.49 -14.20 9.56
N ARG A 69 -6.80 -13.18 10.06
CA ARG A 69 -7.30 -11.81 10.01
C ARG A 69 -6.24 -10.85 9.52
N TYR A 70 -6.66 -9.66 9.11
CA TYR A 70 -5.74 -8.62 8.66
C TYR A 70 -6.15 -7.26 9.20
N ILE A 71 -5.17 -6.52 9.71
CA ILE A 71 -5.40 -5.13 10.09
C ILE A 71 -4.59 -4.23 9.16
N LEU A 72 -5.26 -3.71 8.15
CA LEU A 72 -4.59 -2.91 7.12
C LEU A 72 -4.86 -1.43 7.31
N ALA A 73 -3.80 -0.62 7.30
CA ALA A 73 -3.94 0.80 7.55
C ALA A 73 -3.04 1.63 6.62
N ASP A 74 -3.47 2.84 6.33
CA ASP A 74 -2.70 3.77 5.52
C ASP A 74 -3.11 5.20 5.86
N ILE A 75 -2.23 6.15 5.59
CA ILE A 75 -2.51 7.55 5.89
C ILE A 75 -3.39 8.17 4.81
N ASN A 76 -3.47 7.50 3.66
CA ASN A 76 -4.28 7.98 2.55
C ASN A 76 -5.76 7.66 2.75
N SER A 77 -6.57 8.70 2.89
CA SER A 77 -8.00 8.53 3.14
C SER A 77 -8.74 8.01 1.91
N ASP A 78 -8.33 8.48 0.73
CA ASP A 78 -8.94 8.05 -0.52
C ASP A 78 -8.66 6.58 -0.79
N LEU A 79 -7.47 6.14 -0.42
CA LEU A 79 -7.07 4.75 -0.60
C LEU A 79 -7.88 3.82 0.29
N ILE A 80 -8.01 4.19 1.56
CA ILE A 80 -8.75 3.40 2.53
C ILE A 80 -10.23 3.36 2.19
N SER A 81 -10.79 4.52 1.80
CA SER A 81 -12.19 4.62 1.44
C SER A 81 -12.54 3.72 0.26
N LEU A 82 -11.61 3.62 -0.69
CA LEU A 82 -11.81 2.76 -1.85
C LEU A 82 -11.89 1.30 -1.45
N TYR A 83 -11.00 0.89 -0.53
CA TYR A 83 -10.93 -0.50 -0.09
C TYR A 83 -12.21 -0.95 0.59
N ASN A 84 -12.89 -0.03 1.28
CA ASN A 84 -14.15 -0.35 1.93
C ASN A 84 -15.33 -0.39 0.96
N ILE A 85 -15.27 0.45 -0.09
CA ILE A 85 -16.30 0.44 -1.12
C ILE A 85 -16.25 -0.86 -1.92
N VAL A 86 -15.04 -1.24 -2.31
CA VAL A 86 -14.83 -2.50 -3.05
C VAL A 86 -15.23 -3.71 -2.21
N LYS A 87 -14.95 -3.64 -0.92
CA LYS A 87 -15.26 -4.76 -0.01
C LYS A 87 -16.76 -4.91 0.22
N MET A 88 -17.42 -3.81 0.56
CA MET A 88 -18.83 -3.84 0.93
C MET A 88 -19.76 -3.88 -0.28
N ARG A 89 -19.40 -3.14 -1.32
CA ARG A 89 -20.25 -3.00 -2.50
C ARG A 89 -19.52 -3.44 -3.77
N THR A 90 -19.11 -4.70 -3.80
CA THR A 90 -18.27 -5.23 -4.87
C THR A 90 -18.93 -5.20 -6.25
N ASP A 91 -20.01 -5.98 -6.41
CA ASP A 91 -20.69 -6.09 -7.69
C ASP A 91 -21.17 -4.74 -8.21
N GLU A 92 -21.59 -3.88 -7.29
CA GLU A 92 -22.05 -2.55 -7.65
C GLU A 92 -20.90 -1.69 -8.18
N TYR A 93 -19.76 -1.79 -7.53
CA TYR A 93 -18.59 -0.99 -7.88
C TYR A 93 -17.98 -1.41 -9.22
N VAL A 94 -17.83 -2.72 -9.41
CA VAL A 94 -17.19 -3.26 -10.61
C VAL A 94 -17.91 -2.83 -11.89
N GLN A 95 -19.23 -2.85 -11.86
CA GLN A 95 -20.03 -2.47 -13.02
C GLN A 95 -19.92 -0.98 -13.30
N ALA A 96 -19.93 -0.17 -12.24
CA ALA A 96 -19.85 1.28 -12.38
C ALA A 96 -18.46 1.71 -12.82
N ALA A 97 -17.44 0.96 -12.42
CA ALA A 97 -16.05 1.29 -12.72
C ALA A 97 -15.64 0.79 -14.10
N ARG A 98 -16.34 -0.22 -14.61
CA ARG A 98 -16.01 -0.78 -15.92
C ARG A 98 -16.43 0.17 -17.03
N GLU A 99 -17.36 1.02 -16.73
CA GLU A 99 -17.87 2.01 -17.64
C GLU A 99 -16.89 3.08 -17.98
N LEU A 100 -15.90 3.28 -17.13
CA LEU A 100 -14.90 4.28 -17.41
C LEU A 100 -13.75 3.75 -18.19
N PHE A 101 -13.57 2.44 -18.22
CA PHE A 101 -12.51 1.85 -19.02
C PHE A 101 -12.90 1.54 -20.44
N VAL A 102 -13.19 2.55 -21.22
CA VAL A 102 -13.59 2.40 -22.60
C VAL A 102 -12.68 3.28 -23.44
N PRO A 103 -12.58 2.98 -24.71
CA PRO A 103 -11.68 3.74 -25.59
C PRO A 103 -12.00 5.24 -25.66
N GLU A 104 -13.23 5.61 -25.37
CA GLU A 104 -13.66 7.00 -25.50
C GLU A 104 -13.18 7.86 -24.34
N THR A 105 -12.72 7.22 -23.27
CA THR A 105 -12.25 7.96 -22.10
C THR A 105 -10.73 8.09 -22.10
N ASN A 106 -10.08 7.56 -23.15
CA ASN A 106 -8.63 7.60 -23.22
C ASN A 106 -8.13 8.82 -23.99
N CYS A 107 -8.40 9.99 -23.45
CA CYS A 107 -7.89 11.24 -24.02
C CYS A 107 -7.77 12.31 -22.94
N ALA A 108 -7.05 13.38 -23.24
CA ALA A 108 -6.75 14.42 -22.27
C ALA A 108 -8.00 15.15 -21.79
N GLU A 109 -8.84 15.57 -22.74
CA GLU A 109 -10.03 16.36 -22.44
C GLU A 109 -10.96 15.67 -21.44
N VAL A 110 -11.20 14.39 -21.66
CA VAL A 110 -12.07 13.61 -20.79
C VAL A 110 -11.42 13.36 -19.42
N TYR A 111 -10.12 13.08 -19.44
CA TYR A 111 -9.37 12.77 -18.22
C TYR A 111 -9.42 13.90 -17.20
N TYR A 112 -9.15 15.12 -17.65
CA TYR A 112 -9.08 16.27 -16.75
C TYR A 112 -10.45 16.65 -16.19
N GLN A 113 -11.51 16.30 -16.93
CA GLN A 113 -12.86 16.52 -16.43
C GLN A 113 -13.19 15.49 -15.36
N PHE A 114 -12.75 14.25 -15.58
CA PHE A 114 -12.92 13.20 -14.59
C PHE A 114 -12.09 13.48 -13.34
N ARG A 115 -10.91 14.07 -13.54
CA ARG A 115 -10.06 14.45 -12.42
C ARG A 115 -10.70 15.60 -11.65
N GLU A 116 -11.38 16.47 -12.36
CA GLU A 116 -12.08 17.59 -11.75
C GLU A 116 -13.30 17.12 -10.97
N GLU A 117 -14.05 16.20 -11.57
CA GLU A 117 -15.23 15.63 -10.94
C GLU A 117 -14.87 14.92 -9.64
N PHE A 118 -13.72 14.26 -9.66
CA PHE A 118 -13.21 13.56 -8.48
C PHE A 118 -12.91 14.54 -7.34
N ASN A 119 -12.29 15.65 -7.67
CA ASN A 119 -11.88 16.64 -6.67
C ASN A 119 -13.05 17.46 -6.15
N LYS A 120 -14.19 17.40 -6.84
CA LYS A 120 -15.36 18.16 -6.44
C LYS A 120 -16.45 17.26 -5.84
N SER A 121 -16.32 15.96 -6.04
CA SER A 121 -17.32 15.01 -5.58
C SER A 121 -17.36 14.89 -4.06
N GLN A 122 -18.57 14.74 -3.52
CA GLN A 122 -18.76 14.54 -2.09
C GLN A 122 -19.16 13.10 -1.81
N ASP A 123 -19.47 12.36 -2.88
CA ASP A 123 -19.90 10.98 -2.77
C ASP A 123 -18.72 10.02 -2.76
N PRO A 124 -18.55 9.28 -1.66
CA PRO A 124 -17.47 8.30 -1.48
C PRO A 124 -17.46 7.24 -2.59
N PHE A 125 -18.64 6.80 -3.03
CA PHE A 125 -18.73 5.79 -4.08
C PHE A 125 -18.21 6.32 -5.40
N ARG A 126 -18.71 7.49 -5.80
CA ARG A 126 -18.29 8.11 -7.06
C ARG A 126 -16.81 8.44 -7.05
N ARG A 127 -16.31 8.88 -5.90
CA ARG A 127 -14.88 9.16 -5.75
C ARG A 127 -14.06 7.88 -5.88
N ALA A 128 -14.60 6.77 -5.39
CA ALA A 128 -13.93 5.49 -5.45
C ALA A 128 -13.85 4.98 -6.89
N VAL A 129 -14.92 5.18 -7.64
CA VAL A 129 -14.99 4.77 -9.04
C VAL A 129 -13.97 5.53 -9.88
N LEU A 130 -13.94 6.84 -9.71
CA LEU A 130 -13.04 7.71 -10.46
C LEU A 130 -11.58 7.48 -10.06
N PHE A 131 -11.37 7.07 -8.81
CA PHE A 131 -10.02 6.86 -8.28
C PHE A 131 -9.28 5.76 -9.03
N LEU A 132 -10.00 4.69 -9.38
CA LEU A 132 -9.43 3.60 -10.14
C LEU A 132 -9.08 4.06 -11.56
N TYR A 133 -9.95 4.89 -12.13
CA TYR A 133 -9.74 5.45 -13.46
C TYR A 133 -8.48 6.32 -13.47
N LEU A 134 -8.39 7.23 -12.49
CA LEU A 134 -7.28 8.16 -12.40
C LEU A 134 -5.95 7.45 -12.15
N ASN A 135 -6.01 6.29 -11.52
CA ASN A 135 -4.81 5.51 -11.25
C ASN A 135 -4.30 4.79 -12.50
N ARG A 136 -5.24 4.37 -13.35
CA ARG A 136 -4.90 3.59 -14.53
C ARG A 136 -4.65 4.47 -15.76
N TYR A 137 -5.25 5.65 -15.78
CA TYR A 137 -5.12 6.56 -16.92
C TYR A 137 -4.16 7.70 -16.61
N GLY A 138 -3.84 7.87 -15.33
CA GLY A 138 -2.96 8.94 -14.90
C GLY A 138 -1.51 8.68 -15.25
N TYR A 139 -0.67 9.69 -15.05
CA TYR A 139 0.74 9.62 -15.39
C TYR A 139 1.51 8.70 -14.45
N ASN A 140 2.00 7.58 -14.99
CA ASN A 140 2.83 6.62 -14.24
C ASN A 140 2.16 6.07 -12.98
N GLY A 141 0.84 6.14 -12.92
CA GLY A 141 0.10 5.65 -11.76
C GLY A 141 0.43 6.38 -10.48
N LEU A 142 0.88 7.62 -10.61
CA LEU A 142 1.26 8.43 -9.46
C LEU A 142 0.05 8.87 -8.66
N CYS A 143 0.24 9.10 -7.36
CA CYS A 143 -0.81 9.63 -6.51
C CYS A 143 -0.34 10.92 -5.82
N ARG A 144 -0.53 12.04 -6.51
CA ARG A 144 -0.03 13.33 -6.04
C ARG A 144 -1.16 14.30 -5.71
N TYR A 145 -1.05 14.98 -4.58
CA TYR A 145 -2.03 15.98 -4.17
C TYR A 145 -1.37 17.33 -3.94
N ASN A 146 -2.14 18.41 -4.05
CA ASN A 146 -1.67 19.70 -3.59
C ASN A 146 -1.97 19.86 -2.11
N LEU A 147 -1.81 21.08 -1.61
CA LEU A 147 -2.13 21.33 -0.20
C LEU A 147 -3.62 21.54 0.00
N ARG A 148 -4.37 21.60 -1.09
CA ARG A 148 -5.82 21.70 -1.00
C ARG A 148 -6.43 20.30 -0.93
N GLY A 149 -5.60 19.28 -1.10
CA GLY A 149 -6.06 17.91 -1.07
C GLY A 149 -6.67 17.52 -2.40
N GLU A 150 -6.23 18.19 -3.46
CA GLU A 150 -6.75 17.95 -4.80
C GLU A 150 -5.78 17.11 -5.63
N PHE A 151 -6.31 16.08 -6.28
CA PHE A 151 -5.53 15.21 -7.15
C PHE A 151 -5.09 15.97 -8.39
N ASN A 152 -3.79 16.10 -8.60
CA ASN A 152 -3.26 16.90 -9.70
C ASN A 152 -2.24 16.17 -10.58
N VAL A 153 -2.49 14.88 -10.83
CA VAL A 153 -1.64 14.11 -11.72
C VAL A 153 -2.13 14.21 -13.17
N PRO A 154 -1.24 14.62 -14.08
CA PRO A 154 -1.60 14.82 -15.50
C PRO A 154 -2.00 13.54 -16.23
N PHE A 155 -2.41 13.68 -17.48
CA PHE A 155 -2.83 12.56 -18.30
C PHE A 155 -1.66 11.64 -18.63
N GLY A 156 -1.89 10.33 -18.58
CA GLY A 156 -0.84 9.35 -18.77
C GLY A 156 -0.55 9.00 -20.22
N ARG A 157 -1.58 9.08 -21.06
CA ARG A 157 -1.47 8.77 -22.49
C ARG A 157 -0.95 7.36 -22.74
N TYR A 158 -1.67 6.37 -22.25
CA TYR A 158 -1.34 4.97 -22.51
C TYR A 158 -2.07 4.48 -23.76
N LYS A 159 -1.59 3.38 -24.34
CA LYS A 159 -2.22 2.80 -25.51
C LYS A 159 -3.59 2.20 -25.16
N LYS A 160 -3.62 1.38 -24.13
CA LYS A 160 -4.86 0.74 -23.69
C LYS A 160 -4.79 0.33 -22.23
N PRO A 161 -5.29 1.20 -21.34
CA PRO A 161 -5.32 0.94 -19.90
C PRO A 161 -6.14 -0.31 -19.56
N TYR A 162 -5.59 -1.14 -18.68
CA TYR A 162 -6.23 -2.41 -18.32
C TYR A 162 -7.18 -2.26 -17.14
N PHE A 163 -8.36 -2.86 -17.27
CA PHE A 163 -9.35 -2.88 -16.18
C PHE A 163 -9.20 -4.16 -15.37
N PRO A 164 -8.68 -4.04 -14.14
CA PRO A 164 -8.39 -5.19 -13.28
C PRO A 164 -9.65 -5.80 -12.66
N GLU A 165 -10.50 -6.39 -13.49
CA GLU A 165 -11.74 -6.98 -13.01
C GLU A 165 -11.47 -8.21 -12.14
N ALA A 166 -10.55 -9.06 -12.59
CA ALA A 166 -10.19 -10.26 -11.84
C ALA A 166 -9.49 -9.90 -10.53
N GLU A 167 -8.63 -8.89 -10.60
CA GLU A 167 -7.89 -8.43 -9.42
C GLU A 167 -8.81 -7.78 -8.39
N LEU A 168 -9.89 -7.19 -8.85
CA LEU A 168 -10.86 -6.53 -7.97
C LEU A 168 -11.66 -7.56 -7.17
N TYR A 169 -12.17 -8.58 -7.86
CA TYR A 169 -12.97 -9.61 -7.20
C TYR A 169 -12.12 -10.43 -6.23
N HIS A 170 -10.86 -10.64 -6.57
CA HIS A 170 -9.94 -11.36 -5.69
C HIS A 170 -9.65 -10.56 -4.43
N PHE A 171 -9.59 -9.23 -4.59
CA PHE A 171 -9.36 -8.36 -3.45
C PHE A 171 -10.55 -8.35 -2.52
N ALA A 172 -11.75 -8.31 -3.09
CA ALA A 172 -12.98 -8.24 -2.33
C ALA A 172 -13.22 -9.50 -1.50
N GLU A 173 -12.98 -10.65 -2.11
CA GLU A 173 -13.18 -11.93 -1.44
C GLU A 173 -12.18 -12.13 -0.31
N LYS A 174 -11.03 -11.47 -0.42
CA LYS A 174 -9.97 -11.61 0.57
C LYS A 174 -10.08 -10.53 1.66
N ALA A 175 -10.74 -9.42 1.33
CA ALA A 175 -10.89 -8.32 2.26
C ALA A 175 -11.89 -8.63 3.37
N GLN A 176 -12.63 -9.71 3.20
CA GLN A 176 -13.64 -10.13 4.18
C GLN A 176 -13.01 -10.47 5.53
N ASN A 177 -11.73 -10.83 5.51
CA ASN A 177 -11.00 -11.13 6.73
C ASN A 177 -10.05 -10.00 7.10
N ALA A 178 -10.39 -8.79 6.68
CA ALA A 178 -9.51 -7.64 6.89
C ALA A 178 -10.26 -6.41 7.40
N PHE A 179 -9.55 -5.60 8.18
CA PHE A 179 -10.08 -4.33 8.66
C PHE A 179 -9.25 -3.18 8.09
N PHE A 180 -9.92 -2.17 7.57
CA PHE A 180 -9.23 -1.03 6.97
C PHE A 180 -9.37 0.22 7.84
N TYR A 181 -8.24 0.86 8.15
CA TYR A 181 -8.24 2.07 8.95
C TYR A 181 -7.42 3.17 8.29
N CYS A 182 -7.88 4.40 8.41
CA CYS A 182 -7.11 5.55 7.93
C CYS A 182 -6.46 6.26 9.11
N GLU A 183 -5.19 5.93 9.36
CA GLU A 183 -4.47 6.49 10.49
C GLU A 183 -2.97 6.34 10.29
N SER A 184 -2.19 7.06 11.09
CA SER A 184 -0.73 6.97 11.02
C SER A 184 -0.23 5.62 11.51
N TYR A 185 1.04 5.33 11.27
CA TYR A 185 1.61 4.04 11.61
C TYR A 185 1.61 3.80 13.12
N ALA A 186 1.81 4.87 13.89
CA ALA A 186 1.89 4.77 15.34
C ALA A 186 0.59 4.24 15.95
N ASP A 187 -0.53 4.66 15.40
CA ASP A 187 -1.84 4.27 15.91
C ASP A 187 -2.21 2.85 15.50
N SER A 188 -1.87 2.49 14.28
CA SER A 188 -2.21 1.17 13.75
C SER A 188 -1.40 0.05 14.40
N MET A 189 -0.15 0.36 14.76
CA MET A 189 0.72 -0.62 15.40
C MET A 189 0.32 -0.84 16.85
N ALA A 190 -0.51 0.04 17.38
CA ALA A 190 -1.02 -0.08 18.74
C ALA A 190 -2.14 -1.10 18.80
N ARG A 191 -2.64 -1.50 17.63
CA ARG A 191 -3.71 -2.49 17.53
C ARG A 191 -3.14 -3.91 17.58
N ALA A 192 -1.82 -4.01 17.47
CA ALA A 192 -1.15 -5.31 17.46
C ALA A 192 -1.28 -6.01 18.82
N ASP A 193 -1.33 -7.34 18.79
CA ASP A 193 -1.46 -8.13 20.00
C ASP A 193 -0.66 -9.42 19.88
N ASP A 194 -0.92 -10.37 20.79
CA ASP A 194 -0.22 -11.65 20.81
C ASP A 194 -0.41 -12.44 19.51
N SER A 195 -1.65 -12.51 19.05
CA SER A 195 -1.98 -13.29 17.87
C SER A 195 -1.62 -12.56 16.57
N SER A 196 -1.11 -11.34 16.71
CA SER A 196 -0.82 -10.51 15.54
C SER A 196 0.66 -10.49 15.15
N VAL A 197 0.91 -10.47 13.85
CA VAL A 197 2.26 -10.29 13.31
C VAL A 197 2.29 -8.99 12.51
N VAL A 198 3.34 -8.21 12.68
CA VAL A 198 3.41 -6.90 12.05
C VAL A 198 4.44 -6.82 10.93
N TYR A 199 4.01 -6.36 9.77
CA TYR A 199 4.93 -6.07 8.67
C TYR A 199 4.89 -4.58 8.31
N CYS A 200 6.04 -3.93 8.40
CA CYS A 200 6.12 -2.51 8.10
C CYS A 200 6.85 -2.25 6.79
N ASP A 201 6.20 -1.54 5.89
CA ASP A 201 6.81 -1.12 4.63
C ASP A 201 6.72 0.39 4.48
N PRO A 202 7.57 1.12 5.22
CA PRO A 202 7.54 2.59 5.21
C PRO A 202 8.02 3.16 3.89
N PRO A 203 7.77 4.45 3.64
CA PRO A 203 8.35 5.11 2.47
C PRO A 203 9.87 4.93 2.44
N TYR A 204 10.43 4.78 1.24
CA TYR A 204 11.85 4.50 1.09
C TYR A 204 12.74 5.54 1.76
N ALA A 205 13.80 5.06 2.40
CA ALA A 205 14.77 5.95 3.05
C ALA A 205 15.57 6.70 2.02
N PRO A 206 15.95 7.96 2.32
CA PRO A 206 16.74 8.79 1.41
C PRO A 206 18.10 8.18 1.08
N LEU A 207 18.42 8.13 -0.20
CA LEU A 207 19.72 7.59 -0.64
C LEU A 207 20.81 8.62 -0.43
N SER A 208 20.47 9.89 -0.64
CA SER A 208 21.42 10.99 -0.46
C SER A 208 20.70 12.31 -0.28
N SER A 220 5.62 14.39 3.48
CA SER A 220 6.82 13.58 3.30
C SER A 220 7.18 12.82 4.57
N PHE A 221 7.83 11.67 4.41
CA PHE A 221 8.21 10.85 5.55
C PHE A 221 9.60 11.24 6.06
N THR A 222 9.63 11.93 7.19
CA THR A 222 10.88 12.46 7.73
C THR A 222 11.76 11.36 8.33
N LEU A 223 13.00 11.74 8.67
CA LEU A 223 13.96 10.80 9.25
C LEU A 223 13.57 10.44 10.69
N GLU A 224 12.90 11.37 11.36
CA GLU A 224 12.44 11.13 12.73
C GLU A 224 11.38 10.05 12.76
N GLN A 225 10.48 10.08 11.78
CA GLN A 225 9.44 9.07 11.66
C GLN A 225 10.04 7.71 11.29
N GLN A 226 11.13 7.74 10.54
CA GLN A 226 11.86 6.53 10.19
C GLN A 226 12.44 5.88 11.44
N ALA A 227 13.03 6.70 12.31
CA ALA A 227 13.64 6.21 13.54
C ALA A 227 12.57 5.86 14.57
N HIS A 228 11.47 6.61 14.56
CA HIS A 228 10.37 6.37 15.48
C HIS A 228 9.71 5.03 15.21
N LEU A 229 9.71 4.61 13.94
CA LEU A 229 9.19 3.32 13.55
C LEU A 229 10.01 2.19 14.17
N ALA A 230 11.32 2.42 14.29
CA ALA A 230 12.21 1.44 14.90
C ALA A 230 11.99 1.35 16.40
N GLU A 231 11.59 2.47 17.01
CA GLU A 231 11.34 2.51 18.44
C GLU A 231 10.12 1.67 18.81
N ILE A 232 9.05 1.80 18.03
CA ILE A 232 7.82 1.07 18.28
C ILE A 232 8.01 -0.43 18.01
N ALA A 233 8.81 -0.74 16.99
CA ALA A 233 9.08 -2.12 16.61
C ALA A 233 9.77 -2.88 17.73
N GLU A 234 10.66 -2.21 18.45
CA GLU A 234 11.38 -2.82 19.55
C GLU A 234 10.53 -2.86 20.81
N GLY A 235 9.57 -1.95 20.91
CA GLY A 235 8.65 -1.93 22.02
C GLY A 235 7.61 -3.03 21.88
N LEU A 236 7.38 -3.45 20.63
CA LEU A 236 6.43 -4.53 20.35
C LEU A 236 7.07 -5.89 20.53
N VAL A 237 8.32 -6.02 20.09
CA VAL A 237 9.04 -7.29 20.21
C VAL A 237 9.37 -7.57 21.68
N GLU A 238 9.36 -6.54 22.49
CA GLU A 238 9.54 -6.68 23.93
C GLU A 238 8.26 -7.23 24.55
N ARG A 239 7.13 -6.98 23.88
CA ARG A 239 5.85 -7.50 24.31
C ARG A 239 5.50 -8.78 23.57
N HIS A 240 6.54 -9.50 23.14
CA HIS A 240 6.41 -10.77 22.44
C HIS A 240 5.57 -10.66 21.17
N ILE A 241 5.82 -9.62 20.39
CA ILE A 241 5.12 -9.42 19.13
C ILE A 241 6.10 -9.24 17.98
N PRO A 242 6.10 -10.18 17.03
CA PRO A 242 7.03 -10.17 15.89
C PRO A 242 6.77 -9.02 14.92
N VAL A 243 7.84 -8.34 14.51
CA VAL A 243 7.73 -7.21 13.58
C VAL A 243 8.76 -7.31 12.46
N LEU A 244 8.30 -7.27 11.21
CA LEU A 244 9.19 -7.29 10.06
C LEU A 244 9.15 -5.97 9.30
N ILE A 245 10.33 -5.40 9.04
CA ILE A 245 10.42 -4.11 8.36
C ILE A 245 11.26 -4.21 7.08
N SER A 246 10.71 -3.69 5.99
CA SER A 246 11.41 -3.68 4.71
C SER A 246 11.77 -2.25 4.30
N ASN A 247 13.02 -2.05 3.90
CA ASN A 247 13.50 -0.73 3.48
C ASN A 247 14.76 -0.87 2.63
N HIS A 248 15.30 0.27 2.18
CA HIS A 248 16.53 0.27 1.40
C HIS A 248 17.73 -0.13 2.24
N ASP A 249 18.86 -0.35 1.58
CA ASP A 249 20.10 -0.72 2.26
C ASP A 249 21.06 0.46 2.26
N THR A 250 20.96 1.31 3.29
CA THR A 250 21.85 2.45 3.43
C THR A 250 22.53 2.44 4.81
N MET A 251 23.33 3.45 5.08
CA MET A 251 24.03 3.56 6.36
C MET A 251 23.07 3.96 7.48
N LEU A 252 21.99 4.66 7.12
CA LEU A 252 21.01 5.10 8.09
C LEU A 252 20.05 3.99 8.49
N THR A 253 19.74 3.11 7.54
CA THR A 253 18.81 2.02 7.80
C THR A 253 19.39 1.02 8.80
N ARG A 254 20.70 0.79 8.72
CA ARG A 254 21.36 -0.12 9.64
C ARG A 254 21.44 0.48 11.04
N GLU A 255 21.55 1.81 11.10
CA GLU A 255 21.66 2.50 12.38
C GLU A 255 20.32 2.57 13.11
N TRP A 256 19.23 2.43 12.36
CA TRP A 256 17.91 2.38 12.95
C TRP A 256 17.48 0.96 13.26
N TYR A 257 17.89 0.01 12.45
CA TYR A 257 17.38 -1.34 12.55
C TYR A 257 18.36 -2.27 13.22
N GLN A 258 19.29 -1.71 13.98
CA GLN A 258 20.37 -2.50 14.54
C GLN A 258 19.89 -3.63 15.40
N ARG A 259 18.82 -3.41 16.13
CA ARG A 259 18.36 -4.38 17.13
C ARG A 259 17.67 -5.60 16.48
N ALA A 260 17.56 -5.60 15.15
CA ALA A 260 16.87 -6.68 14.45
C ALA A 260 17.85 -7.57 13.70
N LYS A 261 17.42 -8.79 13.36
CA LYS A 261 18.22 -9.68 12.52
C LYS A 261 18.13 -9.21 11.08
N LEU A 262 19.18 -8.53 10.62
CA LEU A 262 19.18 -7.88 9.32
C LEU A 262 19.54 -8.83 8.18
N HIS A 263 18.60 -9.01 7.25
CA HIS A 263 18.83 -9.81 6.05
C HIS A 263 18.82 -8.90 4.83
N VAL A 264 19.66 -9.22 3.84
CA VAL A 264 19.77 -8.39 2.65
C VAL A 264 19.48 -9.16 1.37
N VAL A 265 18.82 -8.50 0.43
CA VAL A 265 18.56 -9.09 -0.88
C VAL A 265 19.24 -8.26 -1.97
N LYS A 266 19.99 -8.94 -2.84
CA LYS A 266 20.80 -8.26 -3.84
C LYS A 266 19.99 -7.94 -5.10
N VAL A 267 19.23 -6.85 -5.05
CA VAL A 267 18.52 -6.37 -6.23
C VAL A 267 19.49 -5.65 -7.14
N ARG A 268 20.25 -4.72 -6.56
CA ARG A 268 21.31 -4.00 -7.25
C ARG A 268 20.83 -3.33 -8.54
N ARG A 269 19.88 -2.40 -8.40
CA ARG A 269 19.33 -1.70 -9.55
C ARG A 269 19.13 -0.22 -9.25
N SER A 270 18.89 0.56 -10.31
CA SER A 270 18.65 2.00 -10.20
C SER A 270 19.77 2.72 -9.47
N LYS A 279 23.91 4.59 -8.74
CA LYS A 279 24.57 3.55 -7.96
C LYS A 279 23.64 2.36 -7.74
N LYS A 280 24.23 1.20 -7.43
CA LYS A 280 23.45 -0.01 -7.20
C LYS A 280 23.10 -0.15 -5.72
N VAL A 281 21.82 0.04 -5.41
CA VAL A 281 21.34 -0.06 -4.03
C VAL A 281 20.56 -1.36 -3.84
N ASP A 282 20.59 -1.89 -2.62
CA ASP A 282 19.89 -3.13 -2.30
C ASP A 282 18.75 -2.87 -1.33
N GLU A 283 17.96 -3.91 -1.06
CA GLU A 283 16.85 -3.80 -0.11
C GLU A 283 17.18 -4.50 1.19
N LEU A 284 16.80 -3.89 2.31
CA LEU A 284 17.11 -4.43 3.63
C LEU A 284 15.87 -4.95 4.34
N LEU A 285 16.00 -6.11 4.97
CA LEU A 285 14.91 -6.68 5.76
C LEU A 285 15.26 -6.72 7.24
N ALA A 286 14.42 -6.06 8.05
CA ALA A 286 14.64 -6.03 9.50
C ALA A 286 13.58 -6.87 10.21
N LEU A 287 14.02 -7.97 10.83
CA LEU A 287 13.11 -8.87 11.52
C LEU A 287 13.29 -8.81 13.04
N TYR A 288 12.20 -8.55 13.75
CA TYR A 288 12.22 -8.52 15.21
C TYR A 288 11.52 -9.75 15.78
N LYS A 289 12.30 -10.77 16.11
CA LYS A 289 11.76 -11.99 16.67
C LYS A 289 12.01 -12.08 18.17
N PRO A 290 10.93 -12.18 18.96
CA PRO A 290 11.02 -12.28 20.43
C PRO A 290 11.50 -13.65 20.88
#